data_1YA5
#
_entry.id   1YA5
#
_cell.length_a   46.326
_cell.length_b   63.213
_cell.length_c   242.584
_cell.angle_alpha   90.00
_cell.angle_beta   90.00
_cell.angle_gamma   90.00
#
_symmetry.space_group_name_H-M   'P 21 21 21'
#
loop_
_entity.id
_entity.type
_entity.pdbx_description
1 polymer 'N2B-TITIN ISOFORM'
2 polymer TELETHONIN
3 non-polymer 'SULFATE ION'
4 water water
#
loop_
_entity_poly.entity_id
_entity_poly.type
_entity_poly.pdbx_seq_one_letter_code
_entity_poly.pdbx_strand_id
1 'polypeptide(L)'
;MTTQAPTFTQPLQSVVVLEGSTATFEAHISGFPVPEVSWFRDGQVISTSTLPGVQISFSDGRAKLTIPAVTKANSGRYSL
KATNGSGQATSTAELLVKAETAPPNFVQRLQSMTVRQGSQVRLQVRVTGIPTPVVKFYRDGAEIQSSLDFQISQEGDLYS
LLIAEAYPEDSGTYSVNATNSVGRATSTAELLVQGETREEF
;
A,B
2 'polypeptide(L)'
;MATSELSSEVSEENSERREAFWAEWKDLTLSTRPEEGSSLHEEDTQRHETYHQQGQSQVLVQRSPWLMMRMGILGRGLQE
YQLPYQRVLP
;
T
#
loop_
_chem_comp.id
_chem_comp.type
_chem_comp.name
_chem_comp.formula
SO4 non-polymer 'SULFATE ION' 'O4 S -2'
#
# COMPACT_ATOMS: atom_id res chain seq x y z
N MET A 1 -15.05 36.23 20.29
CA MET A 1 -15.42 34.79 20.15
C MET A 1 -15.34 34.02 21.48
N THR A 2 -16.15 32.97 21.57
CA THR A 2 -16.05 32.01 22.67
C THR A 2 -14.68 31.36 22.62
N THR A 3 -13.98 31.33 23.75
CA THR A 3 -12.79 30.49 23.88
C THR A 3 -13.12 29.04 23.52
N GLN A 4 -12.12 28.31 23.04
CA GLN A 4 -12.26 26.88 22.80
C GLN A 4 -10.90 26.28 22.73
N ALA A 5 -10.77 25.16 23.42
CA ALA A 5 -9.52 24.42 23.43
C ALA A 5 -9.16 23.91 22.05
N PRO A 6 -7.85 23.69 21.84
CA PRO A 6 -7.41 23.21 20.56
C PRO A 6 -7.93 21.81 20.34
N THR A 7 -8.41 21.52 19.15
CA THR A 7 -8.80 20.16 18.87
C THR A 7 -8.56 19.77 17.43
N PHE A 8 -8.01 18.58 17.19
CA PHE A 8 -7.82 18.20 15.80
C PHE A 8 -9.15 17.82 15.16
N THR A 9 -9.63 18.65 14.24
CA THR A 9 -10.78 18.25 13.46
C THR A 9 -10.37 17.21 12.41
N GLN A 10 -9.16 17.30 11.92
CA GLN A 10 -8.58 16.15 11.26
C GLN A 10 -7.13 15.92 11.66
N PRO A 11 -6.87 14.80 12.32
CA PRO A 11 -5.55 14.51 12.88
C PRO A 11 -4.54 14.18 11.78
N LEU A 12 -3.27 14.05 12.16
CA LEU A 12 -2.23 13.66 11.21
C LEU A 12 -2.51 12.29 10.63
N GLN A 13 -1.96 12.02 9.45
CA GLN A 13 -1.87 10.65 8.99
C GLN A 13 -0.43 10.23 8.75
N SER A 14 -0.21 8.92 8.85
CA SER A 14 1.09 8.32 8.60
C SER A 14 1.39 8.38 7.11
N VAL A 15 2.66 8.25 6.77
CA VAL A 15 3.09 8.63 5.44
C VAL A 15 4.20 7.70 5.05
N VAL A 16 3.99 6.97 3.97
CA VAL A 16 4.99 6.09 3.42
C VAL A 16 5.42 6.73 2.12
N VAL A 17 6.71 7.00 2.00
CA VAL A 17 7.20 7.68 0.84
C VAL A 17 8.45 7.00 0.29
N LEU A 18 8.69 7.15 -1.01
CA LEU A 18 9.92 6.68 -1.61
C LEU A 18 11.07 7.69 -1.46
N GLU A 19 12.25 7.18 -1.11
CA GLU A 19 13.45 8.01 -0.95
C GLU A 19 13.61 9.02 -2.09
N GLY A 20 13.86 10.26 -1.73
CA GLY A 20 14.02 11.30 -2.73
C GLY A 20 12.72 12.00 -3.08
N SER A 21 11.62 11.53 -2.49
CA SER A 21 10.29 12.13 -2.71
C SER A 21 9.86 13.15 -1.63
N THR A 22 8.85 13.94 -1.95
CA THR A 22 8.22 14.84 -0.98
C THR A 22 7.31 14.12 0.00
N ALA A 23 7.49 14.41 1.30
CA ALA A 23 6.62 13.88 2.35
C ALA A 23 5.84 15.03 2.94
N THR A 24 4.53 14.88 3.00
CA THR A 24 3.65 15.91 3.50
C THR A 24 2.86 15.41 4.71
N PHE A 25 3.01 16.09 5.83
CA PHE A 25 2.19 15.82 6.99
C PHE A 25 1.31 17.03 7.13
N GLU A 26 0.00 16.83 7.14
CA GLU A 26 -0.86 17.95 7.41
C GLU A 26 -2.02 17.58 8.35
N ALA A 27 -2.60 18.59 8.97
CA ALA A 27 -3.65 18.43 9.98
C ALA A 27 -4.53 19.66 10.04
N HIS A 28 -5.75 19.50 10.56
CA HIS A 28 -6.61 20.64 10.81
C HIS A 28 -6.90 20.75 12.30
N ILE A 29 -6.68 21.95 12.84
CA ILE A 29 -6.84 22.23 14.26
C ILE A 29 -7.76 23.41 14.42
N SER A 30 -8.64 23.36 15.41
CA SER A 30 -9.43 24.55 15.70
C SER A 30 -9.27 24.90 17.15
N GLY A 31 -9.59 26.13 17.51
CA GLY A 31 -9.60 26.53 18.91
C GLY A 31 -9.31 27.99 19.08
N PHE A 32 -9.74 28.55 20.20
CA PHE A 32 -9.70 29.98 20.40
C PHE A 32 -9.17 30.30 21.78
N PRO A 33 -8.18 31.19 21.85
CA PRO A 33 -7.54 31.80 20.69
C PRO A 33 -6.82 30.76 19.82
N VAL A 34 -6.63 31.04 18.54
CA VAL A 34 -5.96 30.07 17.65
C VAL A 34 -4.72 29.52 18.32
N PRO A 35 -4.59 28.19 18.34
CA PRO A 35 -3.56 27.57 19.17
C PRO A 35 -2.16 27.94 18.72
N GLU A 36 -1.20 27.75 19.61
CA GLU A 36 0.19 27.84 19.27
C GLU A 36 0.58 26.42 18.91
N VAL A 37 1.28 26.27 17.79
CA VAL A 37 1.56 24.94 17.30
C VAL A 37 3.05 24.71 17.15
N SER A 38 3.45 23.47 17.24
CA SER A 38 4.85 23.14 17.09
C SER A 38 4.98 21.67 16.71
N TRP A 39 5.98 21.37 15.89
CA TRP A 39 6.13 20.04 15.30
C TRP A 39 7.34 19.37 15.93
N PHE A 40 7.27 18.07 16.11
CA PHE A 40 8.35 17.30 16.73
C PHE A 40 8.63 16.03 15.94
N ARG A 41 9.89 15.63 15.94
CA ARG A 41 10.24 14.34 15.39
C ARG A 41 10.90 13.54 16.46
N ASP A 42 10.35 12.37 16.73
CA ASP A 42 10.83 11.57 17.85
C ASP A 42 11.06 12.43 19.08
N GLY A 43 10.04 13.20 19.47
CA GLY A 43 10.10 13.98 20.70
C GLY A 43 10.94 15.25 20.71
N GLN A 44 11.91 15.36 19.80
CA GLN A 44 12.67 16.60 19.63
C GLN A 44 11.94 17.57 18.72
N VAL A 45 11.94 18.86 19.03
CA VAL A 45 11.29 19.81 18.14
C VAL A 45 11.99 19.88 16.81
N ILE A 46 11.23 20.23 15.78
CA ILE A 46 11.75 20.32 14.43
C ILE A 46 12.02 21.76 14.03
N SER A 47 13.19 22.00 13.44
CA SER A 47 13.52 23.25 12.78
C SER A 47 14.35 22.97 11.54
N THR A 48 14.75 24.01 10.84
CA THR A 48 15.50 23.78 9.63
C THR A 48 16.92 23.36 9.95
N SER A 49 17.29 23.44 11.22
CA SER A 49 18.59 22.96 11.64
C SER A 49 18.59 21.47 11.87
N THR A 50 17.42 20.90 12.12
CA THR A 50 17.33 19.45 12.31
C THR A 50 16.79 18.76 11.07
N LEU A 51 16.07 19.51 10.24
CA LEU A 51 15.49 18.94 9.05
C LEU A 51 15.67 19.87 7.88
N PRO A 52 16.89 19.97 7.38
CA PRO A 52 17.17 21.01 6.40
C PRO A 52 16.23 20.84 5.21
N GLY A 53 15.51 21.89 4.84
CA GLY A 53 14.51 21.75 3.80
C GLY A 53 13.09 21.99 4.25
N VAL A 54 12.70 21.41 5.38
CA VAL A 54 11.33 21.45 5.84
C VAL A 54 10.71 22.80 5.59
N GLN A 55 9.52 22.78 5.04
CA GLN A 55 8.65 23.94 5.05
C GLN A 55 7.62 23.61 6.11
N ILE A 56 6.79 24.58 6.49
CA ILE A 56 5.88 24.37 7.61
C ILE A 56 4.96 25.57 7.68
N SER A 57 3.66 25.36 7.70
CA SER A 57 2.78 26.50 7.74
C SER A 57 1.57 26.20 8.59
N PHE A 58 0.85 27.27 8.93
CA PHE A 58 -0.35 27.17 9.73
C PHE A 58 -1.22 28.39 9.41
N SER A 59 -2.16 28.25 8.47
CA SER A 59 -3.13 29.31 8.20
C SER A 59 -4.55 28.75 8.11
N ASP A 60 -5.50 29.52 8.65
CA ASP A 60 -6.88 29.08 8.73
C ASP A 60 -7.02 27.60 9.08
N GLY A 61 -6.34 27.21 10.16
CA GLY A 61 -6.53 25.91 10.78
C GLY A 61 -5.77 24.81 10.08
N ARG A 62 -5.06 25.17 9.00
CA ARG A 62 -4.23 24.25 8.20
C ARG A 62 -2.81 24.19 8.78
N ALA A 63 -2.43 23.08 9.40
CA ALA A 63 -1.04 22.82 9.77
C ALA A 63 -0.44 21.83 8.78
N LYS A 64 0.85 21.92 8.56
CA LYS A 64 1.40 21.28 7.40
C LYS A 64 2.89 21.30 7.56
N LEU A 65 3.48 20.15 7.37
CA LEU A 65 4.90 20.02 7.37
C LEU A 65 5.21 19.21 6.14
N THR A 66 6.11 19.73 5.30
CA THR A 66 6.56 19.04 4.08
C THR A 66 8.08 18.91 4.04
N ILE A 67 8.56 17.68 3.88
CA ILE A 67 9.96 17.45 3.58
C ILE A 67 10.17 17.29 2.07
N PRO A 68 10.84 18.27 1.45
CA PRO A 68 11.11 18.24 0.01
C PRO A 68 11.65 16.94 -0.59
N ALA A 69 12.76 16.41 -0.06
CA ALA A 69 13.32 15.20 -0.67
C ALA A 69 13.74 14.22 0.39
N VAL A 70 12.80 13.45 0.90
CA VAL A 70 13.07 12.66 2.07
C VAL A 70 14.28 11.76 1.92
N THR A 71 14.97 11.52 3.03
CA THR A 71 16.01 10.52 3.05
C THR A 71 15.57 9.42 3.97
N LYS A 72 16.28 8.31 3.97
CA LYS A 72 15.85 7.22 4.85
C LYS A 72 16.07 7.56 6.30
N ALA A 73 16.89 8.56 6.56
CA ALA A 73 17.12 8.96 7.94
C ALA A 73 15.88 9.63 8.50
N ASN A 74 15.08 10.20 7.62
CA ASN A 74 13.97 11.04 8.01
C ASN A 74 12.80 10.28 8.65
N SER A 75 12.82 8.97 8.52
CA SER A 75 11.76 8.12 9.04
C SER A 75 11.64 8.27 10.55
N GLY A 76 10.40 8.44 11.02
CA GLY A 76 10.14 8.42 12.45
C GLY A 76 8.77 8.89 12.85
N ARG A 77 8.56 9.07 14.15
CA ARG A 77 7.30 9.50 14.70
C ARG A 77 7.24 11.01 14.60
N TYR A 78 6.31 11.50 13.85
CA TYR A 78 6.11 12.94 13.76
C TYR A 78 4.88 13.34 14.57
N SER A 79 5.00 14.41 15.36
CA SER A 79 3.90 14.90 16.20
C SER A 79 3.66 16.36 15.93
N LEU A 80 2.45 16.76 16.17
CA LEU A 80 2.05 18.15 16.12
C LEU A 80 1.42 18.43 17.47
N LYS A 81 1.91 19.44 18.16
CA LYS A 81 1.28 19.89 19.40
C LYS A 81 0.60 21.23 19.20
N ALA A 82 -0.56 21.38 19.82
CA ALA A 82 -1.32 22.63 19.80
C ALA A 82 -1.79 23.01 21.21
N THR A 83 -1.42 24.20 21.66
CA THR A 83 -1.85 24.64 22.98
C THR A 83 -2.49 26.02 22.88
N ASN A 84 -3.51 26.25 23.68
CA ASN A 84 -3.92 27.60 24.03
C ASN A 84 -4.34 27.66 25.48
N GLY A 85 -4.99 28.75 25.88
CA GLY A 85 -5.37 28.92 27.28
C GLY A 85 -6.29 27.82 27.77
N SER A 86 -7.19 27.37 26.91
CA SER A 86 -8.20 26.41 27.31
C SER A 86 -7.73 24.96 27.29
N GLY A 87 -6.49 24.72 26.87
CA GLY A 87 -6.04 23.32 26.79
C GLY A 87 -5.01 23.02 25.72
N GLN A 88 -4.82 21.75 25.41
CA GLN A 88 -3.81 21.36 24.46
C GLN A 88 -4.08 20.02 23.81
N ALA A 89 -3.58 19.85 22.58
CA ALA A 89 -3.77 18.62 21.81
C ALA A 89 -2.51 18.23 21.08
N THR A 90 -2.28 16.94 20.98
CA THR A 90 -1.18 16.42 20.18
C THR A 90 -1.68 15.37 19.20
N SER A 91 -1.10 15.36 18.02
CA SER A 91 -1.38 14.36 17.01
C SER A 91 -0.05 13.76 16.58
N THR A 92 -0.02 12.45 16.48
CA THR A 92 1.24 11.77 16.20
C THR A 92 0.99 10.75 15.12
N ALA A 93 1.96 10.64 14.21
CA ALA A 93 1.85 9.82 13.01
C ALA A 93 3.27 9.41 12.63
N GLU A 94 3.44 8.33 11.88
CA GLU A 94 4.79 7.92 11.40
C GLU A 94 5.14 8.27 9.94
N LEU A 95 6.44 8.43 9.69
CA LEU A 95 6.96 8.48 8.32
C LEU A 95 7.80 7.26 8.08
N LEU A 96 7.48 6.52 7.02
CA LEU A 96 8.30 5.43 6.59
C LEU A 96 8.82 5.78 5.23
N VAL A 97 10.12 5.94 5.16
CA VAL A 97 10.78 6.17 3.91
C VAL A 97 11.33 4.85 3.38
N LYS A 98 11.16 4.67 2.08
CA LYS A 98 11.41 3.42 1.40
C LYS A 98 12.34 3.62 0.21
N ALA A 99 13.15 2.60 -0.07
CA ALA A 99 14.08 2.63 -1.19
C ALA A 99 13.36 2.37 -2.48
N GLU A 100 13.72 3.11 -3.54
CA GLU A 100 13.22 2.78 -4.86
C GLU A 100 13.99 1.56 -5.27
N THR A 101 13.27 0.49 -5.57
CA THR A 101 13.87 -0.72 -6.08
C THR A 101 13.23 -0.90 -7.43
N ALA A 102 13.79 -1.83 -8.20
CA ALA A 102 13.20 -2.26 -9.46
C ALA A 102 13.78 -3.63 -9.72
N PRO A 103 12.92 -4.60 -10.00
CA PRO A 103 13.37 -5.94 -10.35
C PRO A 103 14.15 -5.97 -11.65
N PRO A 104 15.06 -6.95 -11.82
CA PRO A 104 15.86 -7.07 -13.02
C PRO A 104 15.02 -7.05 -14.27
N ASN A 105 15.48 -6.35 -15.27
CA ASN A 105 14.81 -6.35 -16.56
C ASN A 105 15.83 -6.52 -17.66
N PHE A 106 15.52 -7.40 -18.61
CA PHE A 106 16.34 -7.52 -19.81
C PHE A 106 15.78 -6.61 -20.89
N VAL A 107 16.32 -5.39 -20.96
CA VAL A 107 16.00 -4.49 -22.06
C VAL A 107 16.35 -5.14 -23.38
N GLN A 108 17.50 -5.79 -23.42
CA GLN A 108 17.90 -6.57 -24.58
C GLN A 108 18.09 -8.01 -24.10
N ARG A 109 17.32 -8.93 -24.66
CA ARG A 109 17.51 -10.32 -24.32
C ARG A 109 18.48 -10.96 -25.30
N LEU A 110 19.17 -12.00 -24.82
CA LEU A 110 20.09 -12.79 -25.61
C LEU A 110 19.39 -13.21 -26.89
N GLN A 111 20.12 -13.29 -28.00
CA GLN A 111 19.52 -13.75 -29.24
C GLN A 111 20.21 -14.98 -29.78
N SER A 112 19.42 -15.81 -30.44
CA SER A 112 19.92 -17.06 -31.00
C SER A 112 20.64 -16.82 -32.32
N MET A 113 21.74 -17.53 -32.52
CA MET A 113 22.52 -17.37 -33.74
C MET A 113 23.30 -18.62 -34.12
N THR A 114 23.56 -18.76 -35.42
CA THR A 114 24.49 -19.76 -35.93
C THR A 114 25.73 -19.06 -36.43
N VAL A 115 26.89 -19.71 -36.29
CA VAL A 115 28.11 -19.14 -36.83
C VAL A 115 29.07 -20.19 -37.39
N ARG A 116 30.09 -19.73 -38.13
CA ARG A 116 31.09 -20.56 -38.74
C ARG A 116 32.27 -20.72 -37.79
N GLN A 117 32.67 -21.95 -37.53
CA GLN A 117 33.72 -22.17 -36.54
C GLN A 117 34.90 -21.27 -36.86
N GLY A 118 35.53 -20.72 -35.82
CA GLY A 118 36.71 -19.90 -35.97
C GLY A 118 36.43 -18.43 -35.74
N SER A 119 35.18 -18.02 -35.90
CA SER A 119 34.83 -16.61 -35.83
C SER A 119 34.68 -16.13 -34.40
N GLN A 120 34.73 -14.81 -34.23
CA GLN A 120 34.47 -14.18 -32.94
C GLN A 120 32.98 -14.21 -32.67
N VAL A 121 32.60 -14.38 -31.40
CA VAL A 121 31.18 -14.36 -31.00
C VAL A 121 30.90 -13.50 -29.78
N ARG A 122 30.11 -12.46 -29.97
CA ARG A 122 29.60 -11.63 -28.87
C ARG A 122 28.13 -11.93 -28.54
N LEU A 123 27.88 -12.47 -27.36
CA LEU A 123 26.50 -12.68 -26.91
C LEU A 123 26.15 -11.64 -25.88
N GLN A 124 25.26 -10.71 -26.24
CA GLN A 124 24.98 -9.59 -25.36
C GLN A 124 23.54 -9.40 -24.91
N VAL A 125 23.40 -8.71 -23.79
CA VAL A 125 22.12 -8.45 -23.17
C VAL A 125 22.23 -7.08 -22.53
N ARG A 126 21.10 -6.40 -22.39
CA ARG A 126 21.07 -5.16 -21.63
C ARG A 126 20.09 -5.32 -20.48
N VAL A 127 20.60 -5.14 -19.25
CA VAL A 127 19.86 -5.43 -18.02
C VAL A 127 19.76 -4.22 -17.08
N THR A 128 18.57 -3.98 -16.55
CA THR A 128 18.35 -2.90 -15.61
C THR A 128 17.87 -3.49 -14.31
N GLY A 129 18.00 -2.74 -13.23
CA GLY A 129 17.55 -3.15 -11.91
C GLY A 129 18.13 -2.31 -10.80
N ILE A 130 17.35 -2.09 -9.76
CA ILE A 130 17.76 -1.33 -8.59
C ILE A 130 17.33 -2.17 -7.41
N PRO A 131 18.26 -2.64 -6.60
CA PRO A 131 19.69 -2.39 -6.78
C PRO A 131 20.20 -3.09 -8.02
N THR A 132 21.44 -2.81 -8.40
CA THR A 132 22.07 -3.34 -9.59
C THR A 132 22.09 -4.86 -9.58
N PRO A 133 21.42 -5.49 -10.54
CA PRO A 133 21.41 -6.95 -10.55
C PRO A 133 22.79 -7.59 -10.72
N VAL A 134 22.98 -8.73 -10.09
CA VAL A 134 24.12 -9.57 -10.41
C VAL A 134 23.80 -10.31 -11.70
N VAL A 135 24.77 -10.32 -12.61
CA VAL A 135 24.59 -10.95 -13.91
C VAL A 135 25.61 -12.09 -14.07
N LYS A 136 25.15 -13.24 -14.53
CA LYS A 136 25.99 -14.43 -14.61
C LYS A 136 25.66 -15.16 -15.90
N PHE A 137 26.67 -15.68 -16.60
CA PHE A 137 26.46 -16.42 -17.86
C PHE A 137 26.63 -17.93 -17.73
N TYR A 138 25.85 -18.65 -18.53
CA TYR A 138 25.79 -20.11 -18.52
C TYR A 138 25.70 -20.72 -19.92
N ARG A 139 26.35 -21.88 -20.07
CA ARG A 139 26.18 -22.79 -21.21
C ARG A 139 25.72 -24.13 -20.70
N ASP A 140 24.53 -24.55 -21.08
CA ASP A 140 24.01 -25.83 -20.65
C ASP A 140 24.07 -26.05 -19.13
N GLY A 141 23.72 -24.99 -18.42
CA GLY A 141 23.51 -25.04 -16.99
C GLY A 141 24.76 -24.87 -16.19
N ALA A 142 25.91 -24.84 -16.86
CA ALA A 142 27.17 -24.61 -16.11
C ALA A 142 27.55 -23.16 -16.29
N GLU A 143 28.01 -22.51 -15.22
CA GLU A 143 28.34 -21.11 -15.28
C GLU A 143 29.68 -20.82 -15.99
N ILE A 144 29.68 -19.79 -16.84
CA ILE A 144 30.92 -19.33 -17.46
C ILE A 144 31.45 -18.12 -16.74
N GLN A 145 32.66 -18.22 -16.20
CA GLN A 145 33.31 -17.02 -15.68
C GLN A 145 34.39 -16.54 -16.64
N SER A 146 34.61 -15.23 -16.64
CA SER A 146 35.52 -14.57 -17.56
C SER A 146 36.88 -15.23 -17.68
N SER A 147 37.35 -15.37 -18.91
CA SER A 147 38.69 -15.85 -19.19
C SER A 147 39.15 -15.30 -20.54
N LEU A 148 40.41 -15.53 -20.86
CA LEU A 148 40.94 -15.30 -22.21
C LEU A 148 39.90 -15.57 -23.30
N ASP A 149 39.34 -16.79 -23.31
CA ASP A 149 38.54 -17.28 -24.45
C ASP A 149 37.12 -16.82 -24.39
N PHE A 150 36.67 -16.50 -23.20
CA PHE A 150 35.31 -16.12 -22.96
C PHE A 150 35.30 -14.88 -22.08
N GLN A 151 35.48 -13.71 -22.68
CA GLN A 151 35.60 -12.56 -21.85
C GLN A 151 34.34 -11.76 -21.69
N ILE A 152 33.95 -11.73 -20.42
CA ILE A 152 32.77 -11.01 -19.95
C ILE A 152 33.19 -9.61 -19.54
N SER A 153 32.27 -8.68 -19.75
CA SER A 153 32.58 -7.28 -19.58
C SER A 153 31.29 -6.52 -19.64
N GLN A 154 31.11 -5.56 -18.74
CA GLN A 154 29.93 -4.71 -18.83
C GLN A 154 30.31 -3.32 -19.23
N GLU A 155 29.45 -2.71 -20.03
CA GLU A 155 29.61 -1.34 -20.48
C GLU A 155 28.32 -0.61 -20.17
N GLY A 156 28.27 0.01 -18.99
CA GLY A 156 27.02 0.48 -18.44
C GLY A 156 26.15 -0.69 -18.07
N ASP A 157 25.02 -0.80 -18.75
CA ASP A 157 24.04 -1.84 -18.45
C ASP A 157 24.12 -2.91 -19.54
N LEU A 158 25.07 -2.73 -20.45
CA LEU A 158 25.30 -3.72 -21.49
C LEU A 158 26.32 -4.75 -21.03
N TYR A 159 25.91 -6.00 -21.02
CA TYR A 159 26.80 -7.09 -20.68
C TYR A 159 27.03 -7.98 -21.90
N SER A 160 28.29 -8.25 -22.20
CA SER A 160 28.63 -9.12 -23.32
C SER A 160 29.46 -10.28 -22.84
N LEU A 161 29.25 -11.44 -23.41
CA LEU A 161 30.27 -12.48 -23.34
C LEU A 161 30.90 -12.58 -24.71
N LEU A 162 32.23 -12.50 -24.74
CA LEU A 162 32.97 -12.56 -26.00
C LEU A 162 33.77 -13.83 -26.08
N ILE A 163 33.31 -14.73 -26.93
CA ILE A 163 34.04 -15.93 -27.27
C ILE A 163 34.98 -15.59 -28.40
N ALA A 164 36.26 -15.51 -28.08
CA ALA A 164 37.25 -15.06 -29.04
C ALA A 164 37.27 -15.93 -30.29
N GLU A 165 37.20 -17.25 -30.09
CA GLU A 165 37.27 -18.18 -31.20
C GLU A 165 36.32 -19.33 -31.05
N ALA A 166 35.13 -19.15 -31.60
CA ALA A 166 34.08 -20.15 -31.52
C ALA A 166 34.50 -21.50 -32.10
N TYR A 167 34.02 -22.57 -31.50
CA TYR A 167 34.20 -23.91 -32.04
C TYR A 167 32.89 -24.61 -31.86
N PRO A 168 32.69 -25.75 -32.55
CA PRO A 168 31.44 -26.49 -32.42
C PRO A 168 31.17 -26.90 -30.99
N GLU A 169 32.22 -27.08 -30.21
CA GLU A 169 32.10 -27.48 -28.82
C GLU A 169 31.37 -26.45 -27.99
N ASP A 170 31.45 -25.19 -28.41
CA ASP A 170 30.83 -24.12 -27.66
C ASP A 170 29.40 -23.88 -28.08
N SER A 171 28.86 -24.72 -28.95
CA SER A 171 27.42 -24.66 -29.23
C SER A 171 26.65 -24.97 -27.95
N GLY A 172 25.48 -24.37 -27.81
CA GLY A 172 24.58 -24.80 -26.78
C GLY A 172 23.49 -23.82 -26.44
N THR A 173 22.84 -24.12 -25.34
CA THR A 173 21.88 -23.22 -24.77
C THR A 173 22.58 -22.30 -23.78
N TYR A 174 22.61 -21.02 -24.16
CA TYR A 174 23.21 -19.97 -23.37
C TYR A 174 22.16 -19.21 -22.55
N SER A 175 22.52 -18.95 -21.29
CA SER A 175 21.64 -18.34 -20.29
C SER A 175 22.31 -17.14 -19.66
N VAL A 176 21.57 -16.04 -19.55
CA VAL A 176 21.95 -14.96 -18.64
C VAL A 176 20.91 -14.84 -17.53
N ASN A 177 21.42 -14.82 -16.32
CA ASN A 177 20.60 -14.68 -15.16
C ASN A 177 20.98 -13.37 -14.51
N ALA A 178 20.01 -12.46 -14.34
CA ALA A 178 20.23 -11.25 -13.55
C ALA A 178 19.46 -11.34 -12.23
N THR A 179 20.12 -11.10 -11.11
CA THR A 179 19.43 -11.17 -9.83
C THR A 179 19.71 -10.03 -8.84
N ASN A 180 18.68 -9.58 -8.14
CA ASN A 180 18.86 -8.61 -7.05
C ASN A 180 17.85 -8.84 -5.96
N SER A 181 17.80 -7.96 -4.98
CA SER A 181 17.02 -8.21 -3.78
C SER A 181 15.54 -8.32 -4.06
N VAL A 182 15.07 -7.77 -5.17
CA VAL A 182 13.63 -7.72 -5.35
C VAL A 182 13.09 -8.56 -6.51
N GLY A 183 13.98 -9.17 -7.30
CA GLY A 183 13.51 -10.04 -8.38
C GLY A 183 14.61 -10.72 -9.15
N ARG A 184 14.23 -11.69 -9.98
CA ARG A 184 15.14 -12.39 -10.86
C ARG A 184 14.63 -12.25 -12.27
N ALA A 185 15.54 -12.17 -13.23
CA ALA A 185 15.17 -12.46 -14.61
C ALA A 185 16.23 -13.33 -15.31
N THR A 186 15.77 -14.27 -16.13
CA THR A 186 16.73 -15.03 -16.91
C THR A 186 16.39 -15.10 -18.39
N SER A 187 17.39 -14.88 -19.25
CA SER A 187 17.21 -14.98 -20.69
C SER A 187 18.06 -16.08 -21.33
N THR A 188 17.43 -16.92 -22.14
CA THR A 188 18.14 -18.00 -22.82
C THR A 188 17.95 -17.97 -24.32
N ALA A 189 18.98 -18.38 -25.04
CA ALA A 189 18.99 -18.43 -26.50
C ALA A 189 19.99 -19.46 -26.95
N GLU A 190 19.84 -19.94 -28.18
CA GLU A 190 20.66 -21.05 -28.67
C GLU A 190 21.82 -20.56 -29.56
N LEU A 191 23.00 -21.11 -29.31
CA LEU A 191 24.15 -20.84 -30.17
C LEU A 191 24.66 -22.12 -30.83
N LEU A 192 24.71 -22.08 -32.16
CA LEU A 192 25.26 -23.16 -32.93
C LEU A 192 26.43 -22.65 -33.75
N VAL A 193 27.63 -23.12 -33.45
CA VAL A 193 28.73 -22.94 -34.36
C VAL A 193 28.82 -24.18 -35.23
N GLN A 194 28.86 -23.93 -36.53
CA GLN A 194 29.04 -25.02 -37.45
C GLN A 194 30.52 -25.38 -37.54
N GLY A 195 30.86 -26.21 -38.52
CA GLY A 195 32.24 -26.51 -38.77
C GLY A 195 32.35 -27.12 -40.14
N GLU A 196 33.54 -27.59 -40.48
CA GLU A 196 33.77 -28.41 -41.66
C GLU A 196 35.18 -28.95 -41.54
N THR A 197 35.32 -30.26 -41.58
CA THR A 197 36.63 -30.88 -41.42
C THR A 197 36.69 -32.26 -42.06
N ARG A 198 37.79 -32.49 -42.77
CA ARG A 198 38.18 -33.83 -43.21
C ARG A 198 39.31 -34.31 -42.32
N MET B 1 2.36 -8.96 -41.80
CA MET B 1 3.53 -8.39 -41.09
C MET B 1 4.72 -9.33 -41.14
N THR B 2 4.59 -10.51 -40.52
CA THR B 2 5.71 -11.44 -40.34
C THR B 2 5.48 -12.41 -39.18
N THR B 3 6.11 -13.59 -39.28
CA THR B 3 6.07 -14.60 -38.22
C THR B 3 6.74 -14.14 -36.92
N GLN B 4 6.01 -14.25 -35.82
CA GLN B 4 6.52 -13.78 -34.54
C GLN B 4 5.78 -14.33 -33.32
N ALA B 5 6.52 -14.94 -32.41
CA ALA B 5 5.95 -15.46 -31.16
C ALA B 5 5.45 -14.33 -30.30
N PRO B 6 4.42 -14.61 -29.50
CA PRO B 6 3.77 -13.58 -28.71
C PRO B 6 4.68 -13.09 -27.62
N THR B 7 4.76 -11.77 -27.48
CA THR B 7 5.48 -11.17 -26.39
C THR B 7 4.57 -10.12 -25.74
N PHE B 8 4.71 -9.94 -24.44
CA PHE B 8 3.94 -8.93 -23.71
C PHE B 8 4.65 -7.60 -23.83
N THR B 9 4.02 -6.65 -24.51
CA THR B 9 4.46 -5.25 -24.53
C THR B 9 4.42 -4.74 -23.12
N GLN B 10 3.29 -4.95 -22.45
CA GLN B 10 3.14 -4.57 -21.07
C GLN B 10 2.51 -5.73 -20.32
N PRO B 11 3.30 -6.43 -19.51
CA PRO B 11 2.80 -7.55 -18.74
C PRO B 11 1.71 -7.11 -17.75
N LEU B 12 1.09 -8.07 -17.08
CA LEU B 12 0.03 -7.76 -16.15
C LEU B 12 0.65 -7.19 -14.91
N GLN B 13 -0.05 -6.26 -14.27
N GLN B 13 -0.05 -6.28 -14.26
CA GLN B 13 0.41 -5.69 -13.00
CA GLN B 13 0.44 -5.74 -13.00
C GLN B 13 -0.56 -6.03 -11.89
C GLN B 13 -0.55 -5.93 -11.87
N SER B 14 -0.03 -6.26 -10.69
CA SER B 14 -0.84 -6.61 -9.55
C SER B 14 -1.76 -5.46 -9.24
N VAL B 15 -2.94 -5.78 -8.72
CA VAL B 15 -3.86 -4.76 -8.28
C VAL B 15 -4.36 -4.98 -6.85
N VAL B 16 -4.60 -3.87 -6.15
CA VAL B 16 -5.12 -3.90 -4.80
C VAL B 16 -6.38 -3.07 -4.77
N VAL B 17 -7.49 -3.70 -4.42
CA VAL B 17 -8.78 -3.04 -4.54
C VAL B 17 -9.68 -3.30 -3.36
N LEU B 18 -10.66 -2.44 -3.19
CA LEU B 18 -11.59 -2.49 -2.09
C LEU B 18 -12.68 -3.50 -2.42
N GLU B 19 -13.03 -4.34 -1.44
CA GLU B 19 -14.11 -5.30 -1.63
C GLU B 19 -15.34 -4.60 -2.17
N GLY B 20 -15.92 -5.15 -3.24
CA GLY B 20 -17.16 -4.62 -3.81
C GLY B 20 -16.94 -3.57 -4.87
N SER B 21 -15.70 -3.35 -5.22
CA SER B 21 -15.39 -2.40 -6.26
C SER B 21 -14.83 -3.15 -7.47
N THR B 22 -14.62 -2.42 -8.57
CA THR B 22 -14.08 -3.03 -9.76
C THR B 22 -12.56 -3.17 -9.78
N ALA B 23 -12.11 -4.33 -10.22
CA ALA B 23 -10.70 -4.64 -10.45
C ALA B 23 -10.51 -4.72 -11.93
N THR B 24 -9.26 -4.73 -12.40
CA THR B 24 -9.00 -4.70 -13.84
C THR B 24 -7.58 -5.07 -14.13
N PHE B 25 -7.43 -6.15 -14.91
CA PHE B 25 -6.13 -6.55 -15.40
C PHE B 25 -6.08 -6.24 -16.89
N GLU B 26 -4.99 -5.63 -17.32
CA GLU B 26 -4.82 -5.18 -18.70
C GLU B 26 -3.41 -5.59 -19.15
N ALA B 27 -3.27 -6.04 -20.40
CA ALA B 27 -1.96 -6.33 -20.97
C ALA B 27 -1.88 -5.91 -22.42
N HIS B 28 -0.68 -5.49 -22.85
CA HIS B 28 -0.43 -5.28 -24.26
C HIS B 28 0.40 -6.44 -24.77
N ILE B 29 -0.05 -7.04 -25.87
CA ILE B 29 0.58 -8.24 -26.43
C ILE B 29 0.87 -8.07 -27.92
N SER B 30 1.82 -8.86 -28.42
CA SER B 30 2.12 -8.89 -29.84
C SER B 30 2.23 -10.33 -30.34
N GLY B 31 2.62 -10.52 -31.59
CA GLY B 31 2.72 -11.86 -32.16
C GLY B 31 1.98 -11.99 -33.46
N PHE B 32 2.45 -12.88 -34.32
CA PHE B 32 1.83 -13.10 -35.62
C PHE B 32 2.03 -14.52 -36.08
N PRO B 33 0.93 -15.22 -36.38
CA PRO B 33 -0.45 -14.73 -36.27
C PRO B 33 -0.87 -14.36 -34.84
N VAL B 34 -1.84 -13.46 -34.73
CA VAL B 34 -2.49 -13.17 -33.45
C VAL B 34 -2.60 -14.42 -32.59
N PRO B 35 -2.22 -14.30 -31.32
CA PRO B 35 -2.21 -15.36 -30.34
C PRO B 35 -3.59 -15.67 -29.79
N GLU B 36 -3.86 -16.96 -29.60
CA GLU B 36 -5.01 -17.42 -28.84
C GLU B 36 -4.75 -17.10 -27.39
N VAL B 37 -5.66 -16.36 -26.79
CA VAL B 37 -5.47 -15.81 -25.48
C VAL B 37 -6.50 -16.36 -24.51
N SER B 38 -6.10 -16.58 -23.27
CA SER B 38 -6.98 -17.15 -22.27
C SER B 38 -6.48 -16.79 -20.87
N TRP B 39 -7.42 -16.72 -19.93
CA TRP B 39 -7.14 -16.29 -18.58
C TRP B 39 -7.34 -17.42 -17.60
N PHE B 40 -6.49 -17.47 -16.59
CA PHE B 40 -6.58 -18.46 -15.53
C PHE B 40 -6.52 -17.75 -14.18
N ARG B 41 -7.11 -18.36 -13.16
CA ARG B 41 -6.93 -17.87 -11.81
C ARG B 41 -6.44 -19.02 -10.96
N ASP B 42 -5.34 -18.80 -10.23
CA ASP B 42 -4.74 -19.87 -9.44
C ASP B 42 -4.82 -21.17 -10.23
N GLY B 43 -4.24 -21.17 -11.42
CA GLY B 43 -4.12 -22.38 -12.21
C GLY B 43 -5.27 -22.75 -13.14
N GLN B 44 -6.51 -22.45 -12.78
CA GLN B 44 -7.63 -22.91 -13.61
C GLN B 44 -8.20 -21.85 -14.52
N VAL B 45 -8.86 -22.30 -15.58
CA VAL B 45 -9.39 -21.42 -16.61
C VAL B 45 -10.50 -20.54 -16.05
N ILE B 46 -10.60 -19.31 -16.55
CA ILE B 46 -11.65 -18.39 -16.12
C ILE B 46 -12.77 -18.20 -17.16
N SER B 47 -14.02 -18.28 -16.71
CA SER B 47 -15.19 -17.91 -17.53
C SER B 47 -16.27 -17.25 -16.67
N THR B 48 -17.35 -16.81 -17.31
CA THR B 48 -18.37 -16.06 -16.61
C THR B 48 -19.24 -17.01 -15.80
N SER B 49 -19.03 -18.30 -16.01
CA SER B 49 -19.62 -19.32 -15.15
C SER B 49 -18.76 -19.44 -13.90
N THR B 50 -17.46 -19.26 -14.10
CA THR B 50 -16.50 -19.37 -13.02
C THR B 50 -16.49 -18.11 -12.17
N LEU B 51 -16.93 -17.01 -12.76
CA LEU B 51 -16.79 -15.73 -12.10
C LEU B 51 -17.83 -14.77 -12.65
N PRO B 52 -19.09 -15.01 -12.30
CA PRO B 52 -20.22 -14.23 -12.82
C PRO B 52 -19.91 -12.74 -12.88
N GLY B 53 -20.10 -12.17 -14.07
CA GLY B 53 -19.92 -10.76 -14.28
C GLY B 53 -18.61 -10.38 -14.94
N VAL B 54 -17.68 -11.33 -15.09
CA VAL B 54 -16.40 -11.04 -15.75
C VAL B 54 -16.61 -10.43 -17.13
N GLN B 55 -15.92 -9.34 -17.42
CA GLN B 55 -15.86 -8.81 -18.77
C GLN B 55 -14.46 -8.97 -19.28
N ILE B 56 -14.29 -9.84 -20.25
CA ILE B 56 -12.99 -10.10 -20.82
C ILE B 56 -13.02 -9.62 -22.25
N SER B 57 -12.03 -8.79 -22.63
CA SER B 57 -11.95 -8.30 -24.00
C SER B 57 -10.57 -8.50 -24.62
N PHE B 58 -10.51 -8.91 -25.86
CA PHE B 58 -9.26 -8.97 -26.57
C PHE B 58 -9.41 -8.34 -27.94
N SER B 59 -8.91 -7.12 -28.08
CA SER B 59 -8.79 -6.55 -29.41
C SER B 59 -7.84 -5.35 -29.50
N ASP B 60 -7.33 -5.15 -30.74
CA ASP B 60 -6.32 -4.15 -31.10
C ASP B 60 -4.98 -4.35 -30.40
N GLY B 61 -4.81 -5.51 -29.79
CA GLY B 61 -3.63 -5.79 -29.00
C GLY B 61 -3.89 -5.79 -27.50
N ARG B 62 -4.78 -4.89 -27.04
CA ARG B 62 -5.08 -4.80 -25.61
C ARG B 62 -5.95 -5.94 -25.08
N ALA B 63 -5.58 -6.50 -23.94
CA ALA B 63 -6.27 -7.68 -23.44
C ALA B 63 -6.76 -7.49 -22.00
N LYS B 64 -7.96 -6.96 -21.84
CA LYS B 64 -8.54 -6.65 -20.51
C LYS B 64 -9.29 -7.82 -19.89
N LEU B 65 -9.32 -7.83 -18.57
CA LEU B 65 -10.28 -8.60 -17.81
C LEU B 65 -10.72 -7.74 -16.61
N THR B 66 -12.03 -7.54 -16.49
CA THR B 66 -12.63 -6.68 -15.48
C THR B 66 -13.53 -7.52 -14.58
N ILE B 67 -13.44 -7.28 -13.28
CA ILE B 67 -14.41 -7.77 -12.33
C ILE B 67 -15.26 -6.61 -11.83
N PRO B 68 -16.51 -6.49 -12.31
CA PRO B 68 -17.40 -5.41 -11.90
C PRO B 68 -17.36 -5.09 -10.40
N ALA B 69 -17.73 -6.07 -9.59
CA ALA B 69 -17.55 -5.95 -8.15
C ALA B 69 -16.74 -7.16 -7.72
N VAL B 70 -15.73 -6.92 -6.90
CA VAL B 70 -14.84 -7.98 -6.46
C VAL B 70 -15.25 -8.47 -5.09
N THR B 71 -14.79 -9.66 -4.74
CA THR B 71 -15.11 -10.23 -3.44
C THR B 71 -13.82 -10.76 -2.93
N LYS B 72 -13.71 -10.89 -1.62
CA LYS B 72 -12.55 -11.52 -1.03
C LYS B 72 -12.28 -12.86 -1.72
N ALA B 73 -13.32 -13.53 -2.16
CA ALA B 73 -13.15 -14.84 -2.76
C ALA B 73 -12.28 -14.72 -4.00
N ASN B 74 -12.50 -13.64 -4.74
CA ASN B 74 -11.83 -13.38 -6.00
C ASN B 74 -10.31 -13.27 -5.89
N SER B 75 -9.81 -13.14 -4.67
CA SER B 75 -8.38 -12.92 -4.44
C SER B 75 -7.53 -14.05 -4.97
N GLY B 76 -6.45 -13.71 -5.66
CA GLY B 76 -5.44 -14.68 -6.04
C GLY B 76 -4.75 -14.23 -7.29
N ARG B 77 -3.82 -15.04 -7.78
CA ARG B 77 -3.07 -14.64 -8.97
C ARG B 77 -3.71 -15.02 -10.29
N TYR B 78 -3.70 -14.08 -11.19
CA TYR B 78 -4.41 -14.20 -12.43
C TYR B 78 -3.34 -14.27 -13.49
N SER B 79 -3.57 -15.10 -14.51
CA SER B 79 -2.61 -15.23 -15.58
C SER B 79 -3.26 -14.92 -16.89
N LEU B 80 -2.52 -14.29 -17.78
CA LEU B 80 -2.90 -14.20 -19.17
C LEU B 80 -1.92 -15.00 -19.99
N LYS B 81 -2.44 -15.98 -20.75
CA LYS B 81 -1.63 -16.84 -21.59
C LYS B 81 -1.89 -16.57 -23.06
N ALA B 82 -0.82 -16.39 -23.83
CA ALA B 82 -0.92 -16.14 -25.28
C ALA B 82 -0.12 -17.15 -26.08
N THR B 83 -0.79 -17.86 -26.98
CA THR B 83 -0.19 -18.94 -27.72
C THR B 83 -0.38 -18.69 -29.20
N ASN B 84 0.60 -19.10 -30.00
CA ASN B 84 0.41 -19.17 -31.44
C ASN B 84 1.43 -20.12 -32.03
N GLY B 85 1.52 -20.17 -33.35
CA GLY B 85 2.46 -21.07 -34.03
C GLY B 85 3.89 -20.97 -33.55
N SER B 86 4.34 -19.77 -33.21
CA SER B 86 5.75 -19.52 -32.93
C SER B 86 6.14 -19.65 -31.46
N GLY B 87 5.13 -19.74 -30.60
CA GLY B 87 5.36 -20.00 -29.20
C GLY B 87 4.25 -19.48 -28.30
N GLN B 88 4.63 -19.07 -27.10
CA GLN B 88 3.69 -18.83 -26.04
C GLN B 88 4.28 -17.85 -25.04
N ALA B 89 3.42 -17.12 -24.35
CA ALA B 89 3.86 -16.17 -23.34
C ALA B 89 2.84 -16.18 -22.24
N THR B 90 3.30 -16.04 -21.01
CA THR B 90 2.40 -16.06 -19.87
C THR B 90 2.77 -14.95 -18.92
N SER B 91 1.76 -14.21 -18.47
CA SER B 91 1.97 -13.16 -17.51
C SER B 91 1.06 -13.36 -16.30
N THR B 92 1.65 -13.42 -15.12
CA THR B 92 0.88 -13.57 -13.90
C THR B 92 0.99 -12.37 -12.96
N ALA B 93 -0.12 -12.03 -12.31
CA ALA B 93 -0.12 -10.94 -11.34
C ALA B 93 -1.15 -11.29 -10.27
N GLU B 94 -1.15 -10.53 -9.17
CA GLU B 94 -2.07 -10.81 -8.06
C GLU B 94 -3.21 -9.83 -8.02
N LEU B 95 -4.39 -10.36 -7.75
CA LEU B 95 -5.50 -9.54 -7.33
C LEU B 95 -5.58 -9.68 -5.82
N LEU B 96 -5.45 -8.54 -5.12
CA LEU B 96 -5.42 -8.50 -3.67
C LEU B 96 -6.65 -7.76 -3.17
N VAL B 97 -7.54 -8.46 -2.48
CA VAL B 97 -8.79 -7.82 -2.06
C VAL B 97 -8.80 -7.44 -0.60
N LYS B 98 -8.96 -6.14 -0.35
CA LYS B 98 -8.97 -5.60 1.00
C LYS B 98 -10.38 -5.37 1.50
N ALA B 99 -10.66 -5.88 2.70
CA ALA B 99 -11.93 -5.64 3.36
C ALA B 99 -12.01 -4.17 3.76
N GLU B 100 -13.20 -3.62 3.80
CA GLU B 100 -13.27 -2.24 4.24
C GLU B 100 -13.31 -2.15 5.75
N THR B 101 -12.49 -1.23 6.27
CA THR B 101 -12.32 -1.05 7.70
C THR B 101 -12.01 0.41 7.96
N ALA B 102 -12.27 0.88 9.17
CA ALA B 102 -12.11 2.27 9.56
C ALA B 102 -12.20 2.29 11.07
N PRO B 103 -11.16 2.80 11.75
CA PRO B 103 -11.12 2.89 13.21
C PRO B 103 -12.29 3.67 13.84
N PRO B 104 -12.57 3.42 15.15
CA PRO B 104 -13.64 4.09 15.87
C PRO B 104 -13.47 5.58 15.76
N ASN B 105 -14.52 6.31 15.42
CA ASN B 105 -14.43 7.77 15.39
C ASN B 105 -15.53 8.36 16.23
N PHE B 106 -15.23 9.35 17.08
CA PHE B 106 -16.30 10.02 17.77
C PHE B 106 -16.78 11.22 16.96
N VAL B 107 -17.86 11.03 16.21
CA VAL B 107 -18.43 12.12 15.45
C VAL B 107 -19.00 13.13 16.41
N GLN B 108 -19.37 12.62 17.58
CA GLN B 108 -19.85 13.45 18.68
C GLN B 108 -19.27 12.92 19.97
N ARG B 109 -18.54 13.80 20.62
CA ARG B 109 -17.85 13.51 21.85
C ARG B 109 -18.77 13.81 23.01
N LEU B 110 -18.58 13.08 24.10
CA LEU B 110 -19.10 13.46 25.40
C LEU B 110 -18.75 14.92 25.68
N GLN B 111 -19.67 15.66 26.28
CA GLN B 111 -19.34 16.98 26.77
C GLN B 111 -19.80 17.11 28.23
N SER B 112 -19.01 17.78 29.06
CA SER B 112 -19.38 17.88 30.46
C SER B 112 -20.53 18.84 30.66
N MET B 113 -21.21 18.69 31.79
CA MET B 113 -22.35 19.53 32.07
C MET B 113 -22.68 19.63 33.55
N THR B 114 -23.30 20.76 33.90
CA THR B 114 -23.80 21.01 35.23
C THR B 114 -25.31 20.97 35.20
N VAL B 115 -25.89 20.13 36.06
CA VAL B 115 -27.34 20.01 36.14
C VAL B 115 -27.84 20.09 37.57
N ARG B 116 -29.09 20.50 37.73
CA ARG B 116 -29.72 20.50 39.03
C ARG B 116 -30.21 19.11 39.40
N GLN B 117 -30.08 18.82 40.69
CA GLN B 117 -30.66 17.63 41.28
C GLN B 117 -32.08 17.47 40.79
N GLY B 118 -32.43 16.28 40.33
CA GLY B 118 -33.78 16.01 39.85
C GLY B 118 -33.92 16.02 38.34
N SER B 119 -32.96 16.68 37.67
CA SER B 119 -32.93 16.77 36.20
C SER B 119 -32.69 15.41 35.56
N GLN B 120 -33.26 15.20 34.38
CA GLN B 120 -32.87 14.09 33.52
C GLN B 120 -31.58 14.45 32.83
N VAL B 121 -30.66 13.51 32.73
CA VAL B 121 -29.38 13.78 32.09
C VAL B 121 -29.18 12.78 30.96
N ARG B 122 -28.82 13.27 29.77
CA ARG B 122 -28.49 12.37 28.67
C ARG B 122 -27.07 12.59 28.22
N LEU B 123 -26.23 11.58 28.38
CA LEU B 123 -24.83 11.65 28.00
C LEU B 123 -24.64 10.86 26.74
N GLN B 124 -24.66 11.53 25.59
CA GLN B 124 -24.60 10.80 24.33
C GLN B 124 -23.40 11.07 23.43
N VAL B 125 -22.88 9.97 22.86
CA VAL B 125 -21.88 10.01 21.78
C VAL B 125 -22.43 9.49 20.43
N ARG B 126 -21.80 9.93 19.35
CA ARG B 126 -22.04 9.40 18.03
C ARG B 126 -20.77 8.69 17.55
N VAL B 127 -20.86 7.39 17.25
CA VAL B 127 -19.64 6.63 16.96
C VAL B 127 -19.74 5.82 15.68
N THR B 128 -18.78 6.02 14.77
CA THR B 128 -18.67 5.22 13.54
C THR B 128 -17.46 4.29 13.61
N GLY B 129 -17.35 3.39 12.62
CA GLY B 129 -16.37 2.33 12.63
C GLY B 129 -16.82 1.09 11.89
N ILE B 130 -15.98 0.66 10.96
CA ILE B 130 -16.16 -0.60 10.30
C ILE B 130 -15.00 -1.51 10.72
N PRO B 131 -15.23 -2.66 11.35
CA PRO B 131 -16.52 -3.22 11.90
C PRO B 131 -17.09 -2.22 12.88
N THR B 132 -18.33 -2.41 13.25
CA THR B 132 -18.95 -1.62 14.30
C THR B 132 -18.14 -1.71 15.61
N PRO B 133 -17.70 -0.57 16.17
CA PRO B 133 -16.97 -0.68 17.43
C PRO B 133 -17.87 -1.17 18.56
N VAL B 134 -17.27 -1.89 19.50
CA VAL B 134 -17.88 -2.15 20.79
C VAL B 134 -17.74 -0.89 21.62
N VAL B 135 -18.85 -0.31 22.08
CA VAL B 135 -18.71 0.85 22.94
C VAL B 135 -19.14 0.55 24.36
N LYS B 136 -18.47 1.22 25.28
CA LYS B 136 -18.70 0.98 26.68
C LYS B 136 -18.71 2.31 27.40
N PHE B 137 -19.66 2.50 28.31
CA PHE B 137 -19.70 3.68 29.15
C PHE B 137 -19.05 3.41 30.48
N TYR B 138 -18.37 4.41 31.03
CA TYR B 138 -17.69 4.27 32.31
C TYR B 138 -17.99 5.44 33.21
N ARG B 139 -18.05 5.17 34.51
CA ARG B 139 -18.16 6.22 35.52
C ARG B 139 -17.06 6.10 36.57
N ASP B 140 -16.37 7.23 36.81
CA ASP B 140 -15.16 7.23 37.61
C ASP B 140 -14.39 5.95 37.34
N GLY B 141 -14.30 5.61 36.07
CA GLY B 141 -13.40 4.58 35.60
C GLY B 141 -13.86 3.14 35.74
N ALA B 142 -15.02 2.89 36.33
CA ALA B 142 -15.55 1.55 36.32
C ALA B 142 -16.70 1.44 35.32
N GLU B 143 -16.86 0.26 34.74
CA GLU B 143 -17.84 0.06 33.69
C GLU B 143 -19.27 0.04 34.20
N ILE B 144 -20.12 0.83 33.53
CA ILE B 144 -21.56 0.85 33.76
C ILE B 144 -22.20 -0.24 32.91
N GLN B 145 -22.28 -1.46 33.42
CA GLN B 145 -23.19 -2.40 32.78
C GLN B 145 -24.55 -2.27 33.43
N SER B 146 -24.88 -1.00 33.66
CA SER B 146 -26.24 -0.50 33.61
C SER B 146 -27.32 -1.37 34.24
N SER B 147 -27.46 -1.24 35.54
CA SER B 147 -28.68 -1.62 36.21
C SER B 147 -29.34 -0.35 36.74
N LEU B 148 -30.69 -0.43 36.88
CA LEU B 148 -31.51 0.69 37.36
C LEU B 148 -31.22 1.98 36.62
N ASP B 149 -31.34 3.09 37.27
CA ASP B 149 -31.50 4.39 36.61
C ASP B 149 -30.41 4.80 35.62
N PHE B 150 -29.60 3.86 35.12
CA PHE B 150 -28.54 4.26 34.20
C PHE B 150 -28.62 3.56 32.85
N GLN B 151 -29.78 3.67 32.22
CA GLN B 151 -30.09 2.96 30.96
C GLN B 151 -29.25 3.37 29.75
N ILE B 152 -28.43 2.44 29.27
CA ILE B 152 -27.66 2.65 28.05
C ILE B 152 -28.43 2.12 26.85
N SER B 153 -28.56 2.95 25.81
CA SER B 153 -29.23 2.55 24.60
C SER B 153 -28.47 2.99 23.37
N GLN B 154 -28.99 2.58 22.21
CA GLN B 154 -28.35 2.88 20.95
C GLN B 154 -29.43 3.20 19.90
N GLU B 155 -29.13 4.17 19.05
CA GLU B 155 -30.03 4.52 17.96
C GLU B 155 -29.21 4.87 16.71
N GLY B 156 -28.88 3.84 15.94
CA GLY B 156 -27.90 3.95 14.87
C GLY B 156 -26.54 4.02 15.53
N ASP B 157 -25.77 5.04 15.16
CA ASP B 157 -24.46 5.27 15.72
C ASP B 157 -24.50 6.18 16.95
N LEU B 158 -25.70 6.45 17.44
CA LEU B 158 -25.89 7.31 18.61
C LEU B 158 -26.08 6.46 19.83
N TYR B 159 -25.13 6.52 20.74
CA TYR B 159 -25.24 5.78 21.98
C TYR B 159 -25.46 6.80 23.09
N SER B 160 -26.43 6.51 23.95
CA SER B 160 -26.78 7.46 24.97
C SER B 160 -26.96 6.79 26.31
N LEU B 161 -26.36 7.38 27.34
CA LEU B 161 -26.60 6.96 28.70
C LEU B 161 -27.65 7.87 29.28
N LEU B 162 -28.67 7.27 29.88
CA LEU B 162 -29.79 8.02 30.46
C LEU B 162 -29.85 7.85 31.95
N ILE B 163 -29.86 8.98 32.65
CA ILE B 163 -30.10 9.05 34.08
C ILE B 163 -31.39 9.81 34.26
N ALA B 164 -32.43 9.12 34.74
CA ALA B 164 -33.79 9.62 34.67
C ALA B 164 -34.00 10.81 35.57
N GLU B 165 -33.61 10.68 36.82
CA GLU B 165 -33.60 11.79 37.74
C GLU B 165 -32.23 11.80 38.31
N ALA B 166 -31.61 12.97 38.26
CA ALA B 166 -30.22 13.10 38.64
C ALA B 166 -30.06 13.23 40.15
N TYR B 167 -29.14 12.46 40.70
CA TYR B 167 -28.81 12.53 42.13
C TYR B 167 -27.46 13.17 42.33
N PRO B 168 -27.23 13.83 43.48
CA PRO B 168 -25.95 14.51 43.65
C PRO B 168 -24.81 13.53 43.54
N GLU B 169 -25.01 12.31 44.04
CA GLU B 169 -23.92 11.35 44.08
C GLU B 169 -23.52 10.93 42.67
N ASP B 170 -24.36 11.22 41.70
CA ASP B 170 -24.08 10.85 40.32
C ASP B 170 -22.92 11.64 39.71
N SER B 171 -22.58 12.77 40.31
CA SER B 171 -21.49 13.60 39.77
C SER B 171 -20.22 12.80 39.66
N GLY B 172 -19.52 12.96 38.55
CA GLY B 172 -18.24 12.30 38.38
C GLY B 172 -17.70 12.45 36.98
N THR B 173 -16.68 11.67 36.67
CA THR B 173 -16.11 11.70 35.36
C THR B 173 -16.65 10.52 34.59
N TYR B 174 -17.39 10.82 33.54
CA TYR B 174 -17.88 9.80 32.67
C TYR B 174 -16.94 9.69 31.49
N SER B 175 -16.86 8.48 30.96
CA SER B 175 -16.00 8.18 29.85
C SER B 175 -16.72 7.13 29.04
N VAL B 176 -16.67 7.28 27.72
CA VAL B 176 -17.15 6.26 26.81
C VAL B 176 -16.00 5.77 25.98
N ASN B 177 -15.92 4.46 25.85
CA ASN B 177 -14.92 3.91 24.98
C ASN B 177 -15.46 3.24 23.73
N ALA B 178 -14.72 3.35 22.63
CA ALA B 178 -15.09 2.71 21.36
C ALA B 178 -13.90 1.94 20.83
N THR B 179 -14.04 0.64 20.63
CA THR B 179 -12.96 -0.08 19.98
C THR B 179 -13.39 -1.06 18.91
N ASN B 180 -12.47 -1.37 18.01
CA ASN B 180 -12.65 -2.48 17.10
C ASN B 180 -11.31 -2.95 16.61
N SER B 181 -11.30 -3.66 15.49
CA SER B 181 -10.10 -4.41 15.10
C SER B 181 -8.96 -3.52 14.70
N VAL B 182 -9.23 -2.28 14.35
CA VAL B 182 -8.16 -1.44 13.88
C VAL B 182 -8.09 -0.11 14.58
N GLY B 183 -8.23 -0.13 15.89
CA GLY B 183 -8.17 1.11 16.64
C GLY B 183 -9.13 1.26 17.79
N ARG B 184 -8.80 2.18 18.69
CA ARG B 184 -9.66 2.49 19.81
C ARG B 184 -9.73 3.98 20.01
N ALA B 185 -10.79 4.45 20.68
CA ALA B 185 -10.94 5.87 20.98
C ALA B 185 -11.69 6.07 22.28
N THR B 186 -11.34 7.13 23.01
CA THR B 186 -11.95 7.38 24.30
C THR B 186 -12.32 8.84 24.55
N SER B 187 -13.55 9.06 24.99
CA SER B 187 -14.08 10.40 25.24
C SER B 187 -14.49 10.54 26.70
N THR B 188 -13.99 11.54 27.39
CA THR B 188 -14.37 11.73 28.77
C THR B 188 -14.94 13.12 29.02
N ALA B 189 -15.96 13.16 29.90
CA ALA B 189 -16.56 14.38 30.40
C ALA B 189 -16.83 14.28 31.91
N GLU B 190 -16.94 15.44 32.57
CA GLU B 190 -17.34 15.52 33.98
C GLU B 190 -18.81 15.93 34.12
N LEU B 191 -19.53 15.22 35.00
CA LEU B 191 -20.89 15.64 35.33
C LEU B 191 -20.93 16.10 36.76
N LEU B 192 -21.47 17.30 36.96
CA LEU B 192 -21.79 17.80 38.29
C LEU B 192 -23.30 17.90 38.47
N VAL B 193 -23.82 17.18 39.47
CA VAL B 193 -25.21 17.37 39.91
C VAL B 193 -25.31 18.38 41.08
N GLN B 194 -25.82 19.58 40.82
CA GLN B 194 -25.90 20.61 41.87
C GLN B 194 -27.14 20.41 42.74
N GLY B 195 -26.97 20.13 44.02
CA GLY B 195 -28.13 19.85 44.85
C GLY B 195 -29.20 20.92 44.94
N GLU B 196 -30.09 20.68 45.88
CA GLU B 196 -31.04 21.66 46.37
C GLU B 196 -30.78 21.93 47.86
N THR B 197 -31.75 21.85 48.72
CA THR B 197 -31.94 22.87 49.72
C THR B 197 -31.85 22.34 51.16
N MET C 1 7.16 -10.80 3.07
CA MET C 1 8.44 -10.54 3.80
C MET C 1 8.12 -9.75 5.07
N ALA C 2 8.65 -8.55 5.25
CA ALA C 2 8.33 -7.84 6.51
C ALA C 2 7.29 -6.73 6.35
N THR C 3 6.01 -7.08 6.37
CA THR C 3 4.96 -6.08 6.57
C THR C 3 5.43 -5.05 7.58
N SER C 4 5.11 -3.78 7.34
CA SER C 4 5.35 -2.74 8.33
C SER C 4 4.00 -2.23 8.74
N GLU C 5 3.83 -2.05 10.04
CA GLU C 5 2.57 -1.57 10.59
C GLU C 5 2.80 -0.21 11.22
N LEU C 6 2.21 0.82 10.64
CA LEU C 6 2.38 2.19 11.11
C LEU C 6 1.12 2.68 11.79
N SER C 7 1.26 3.27 12.97
CA SER C 7 0.12 3.79 13.70
C SER C 7 0.00 5.30 13.84
N SER C 8 -1.19 5.77 14.13
CA SER C 8 -1.36 7.17 14.46
C SER C 8 -2.12 7.39 15.75
N GLU C 9 -1.70 8.36 16.55
CA GLU C 9 -2.42 8.70 17.77
C GLU C 9 -2.90 10.16 17.82
N VAL C 10 -3.95 10.42 18.57
CA VAL C 10 -4.27 11.76 18.96
C VAL C 10 -4.58 11.72 20.43
N SER C 11 -4.24 12.78 21.15
CA SER C 11 -4.52 12.85 22.57
C SER C 11 -4.79 14.28 22.91
N GLU C 12 -5.89 14.53 23.60
CA GLU C 12 -6.36 15.91 23.74
C GLU C 12 -6.78 16.14 25.17
N GLU C 13 -6.35 17.25 25.75
CA GLU C 13 -6.84 17.62 27.08
C GLU C 13 -7.47 19.02 27.11
N ASN C 14 -8.76 19.03 27.36
CA ASN C 14 -9.46 20.25 27.66
C ASN C 14 -9.56 20.64 29.15
N SER C 15 -8.84 21.68 29.57
CA SER C 15 -8.85 22.06 30.97
C SER C 15 -10.04 22.95 31.33
N GLU C 16 -10.45 23.78 30.36
CA GLU C 16 -11.60 24.63 30.53
C GLU C 16 -12.83 23.80 30.82
N ARG C 17 -13.15 22.87 29.93
CA ARG C 17 -14.34 22.09 30.13
C ARG C 17 -14.04 20.70 30.73
N ARG C 18 -12.84 20.48 31.21
CA ARG C 18 -12.54 19.23 31.94
C ARG C 18 -12.93 18.00 31.14
N GLU C 19 -12.36 17.92 29.94
CA GLU C 19 -12.62 16.85 29.00
C GLU C 19 -11.32 16.33 28.41
N ALA C 20 -11.31 15.05 28.09
CA ALA C 20 -10.10 14.41 27.63
C ALA C 20 -10.51 13.43 26.56
N PHE C 21 -9.59 13.10 25.70
CA PHE C 21 -9.94 12.35 24.52
C PHE C 21 -8.66 11.80 23.99
N TRP C 22 -8.68 10.52 23.67
CA TRP C 22 -7.56 9.99 22.98
C TRP C 22 -7.93 8.90 21.99
N ALA C 23 -7.01 8.55 21.12
CA ALA C 23 -7.29 7.71 19.96
C ALA C 23 -5.98 7.11 19.47
N GLU C 24 -5.96 5.80 19.25
CA GLU C 24 -4.84 5.13 18.61
C GLU C 24 -5.41 4.25 17.48
N TRP C 25 -4.83 4.36 16.27
CA TRP C 25 -5.26 3.47 15.21
C TRP C 25 -4.21 2.95 14.22
N LYS C 26 -4.46 1.72 13.74
CA LYS C 26 -3.68 1.11 12.68
C LYS C 26 -3.90 1.95 11.45
N ASP C 27 -2.90 2.73 11.05
CA ASP C 27 -3.13 3.75 10.01
C ASP C 27 -2.74 3.24 8.64
N LEU C 28 -1.47 2.86 8.51
CA LEU C 28 -0.91 2.42 7.26
C LEU C 28 -0.37 1.02 7.47
N THR C 29 -0.60 0.17 6.50
CA THR C 29 -0.03 -1.16 6.53
C THR C 29 0.69 -1.43 5.21
N LEU C 30 1.94 -1.92 5.28
CA LEU C 30 2.77 -2.16 4.10
C LEU C 30 3.22 -3.60 4.06
N SER C 31 2.93 -4.28 2.97
CA SER C 31 3.43 -5.65 2.85
C SER C 31 4.18 -5.95 1.58
N THR C 32 4.93 -7.04 1.65
CA THR C 32 5.70 -7.59 0.54
C THR C 32 4.95 -8.77 -0.06
N ARG C 33 4.81 -8.78 -1.38
CA ARG C 33 4.31 -9.96 -2.07
C ARG C 33 5.44 -10.71 -2.76
N PRO C 34 5.44 -12.04 -2.63
CA PRO C 34 6.50 -12.87 -3.23
C PRO C 34 6.70 -12.54 -4.69
N GLU C 35 7.84 -12.94 -5.23
CA GLU C 35 8.20 -12.64 -6.60
C GLU C 35 7.32 -13.41 -7.59
N GLU C 36 7.03 -14.67 -7.26
CA GLU C 36 6.08 -15.47 -8.04
C GLU C 36 4.77 -14.72 -8.17
N GLY C 37 4.51 -13.81 -7.23
CA GLY C 37 3.27 -13.06 -7.26
C GLY C 37 3.05 -12.35 -8.57
N SER C 38 4.12 -11.86 -9.18
CA SER C 38 3.98 -11.28 -10.51
C SER C 38 5.15 -11.59 -11.44
N SER C 39 4.88 -12.41 -12.43
CA SER C 39 5.92 -12.97 -13.26
C SER C 39 5.48 -13.03 -14.71
N LEU C 40 6.45 -13.32 -15.56
CA LEU C 40 6.19 -13.47 -16.97
C LEU C 40 7.16 -14.52 -17.44
N HIS C 41 6.70 -15.41 -18.30
CA HIS C 41 7.62 -16.20 -19.11
C HIS C 41 7.10 -16.35 -20.50
N GLU C 42 8.02 -16.30 -21.46
CA GLU C 42 7.73 -16.29 -22.86
C GLU C 42 8.61 -17.34 -23.52
N GLU C 43 8.02 -18.29 -24.26
CA GLU C 43 8.81 -19.23 -25.06
C GLU C 43 8.68 -19.00 -26.58
N ASP C 44 9.77 -18.63 -27.22
CA ASP C 44 9.82 -18.52 -28.68
C ASP C 44 10.34 -19.82 -29.27
N THR C 45 9.44 -20.72 -29.65
CA THR C 45 9.84 -22.05 -30.09
C THR C 45 10.31 -22.03 -31.54
N GLN C 46 10.14 -20.90 -32.19
CA GLN C 46 10.66 -20.77 -33.53
C GLN C 46 12.15 -20.42 -33.50
N ARG C 47 12.54 -19.53 -32.59
CA ARG C 47 13.91 -19.06 -32.49
C ARG C 47 14.70 -19.74 -31.37
N HIS C 48 14.02 -20.55 -30.57
CA HIS C 48 14.63 -21.18 -29.40
C HIS C 48 15.13 -20.15 -28.41
N GLU C 49 14.25 -19.22 -28.06
CA GLU C 49 14.57 -18.24 -27.04
C GLU C 49 13.50 -18.25 -25.95
N THR C 50 13.95 -18.25 -24.69
CA THR C 50 13.02 -18.22 -23.57
C THR C 50 13.39 -17.05 -22.69
N TYR C 51 12.39 -16.45 -22.07
CA TYR C 51 12.63 -15.38 -21.12
C TYR C 51 11.80 -15.62 -19.88
N HIS C 52 12.36 -15.30 -18.72
CA HIS C 52 11.59 -15.34 -17.50
C HIS C 52 11.89 -14.17 -16.55
N GLN C 53 10.86 -13.64 -15.92
CA GLN C 53 11.08 -12.71 -14.84
C GLN C 53 10.07 -12.88 -13.73
N GLN C 54 10.51 -12.59 -12.50
CA GLN C 54 9.63 -12.51 -11.36
C GLN C 54 10.08 -11.35 -10.48
N GLY C 55 9.14 -10.67 -9.84
CA GLY C 55 9.48 -9.51 -9.01
C GLY C 55 8.52 -9.23 -7.87
N GLN C 56 9.06 -8.91 -6.70
CA GLN C 56 8.24 -8.49 -5.59
C GLN C 56 7.49 -7.21 -5.89
N SER C 57 6.34 -7.07 -5.25
CA SER C 57 5.70 -5.78 -5.18
C SER C 57 5.24 -5.54 -3.76
N GLN C 58 5.27 -4.28 -3.34
CA GLN C 58 4.90 -3.88 -2.00
C GLN C 58 3.54 -3.20 -2.08
N VAL C 59 2.58 -3.74 -1.34
CA VAL C 59 1.27 -3.13 -1.32
C VAL C 59 0.97 -2.30 -0.09
N LEU C 60 0.19 -1.25 -0.33
CA LEU C 60 -0.07 -0.27 0.67
C LEU C 60 -1.55 -0.22 0.94
N VAL C 61 -1.89 -0.39 2.21
CA VAL C 61 -3.25 -0.16 2.67
C VAL C 61 -3.18 0.86 3.79
N GLN C 62 -3.93 1.94 3.61
CA GLN C 62 -4.08 3.00 4.59
C GLN C 62 -5.58 3.27 4.90
N ARG C 63 -5.89 3.45 6.18
CA ARG C 63 -7.27 3.72 6.63
C ARG C 63 -7.31 4.89 7.59
N SER C 64 -8.52 5.34 7.91
CA SER C 64 -8.64 6.51 8.76
C SER C 64 -9.92 6.48 9.58
N PRO C 65 -9.98 7.39 10.57
CA PRO C 65 -11.20 7.56 11.33
C PRO C 65 -12.28 8.24 10.49
N TRP C 66 -11.94 9.18 9.61
CA TRP C 66 -13.03 9.76 8.80
C TRP C 66 -13.42 8.94 7.57
N LEU C 67 -13.25 7.61 7.65
CA LEU C 67 -13.81 6.67 6.67
C LEU C 67 -13.29 6.83 5.22
N MET C 68 -12.03 7.22 5.10
CA MET C 68 -11.37 7.29 3.83
C MET C 68 -10.27 6.21 3.81
N MET C 69 -10.35 5.34 2.81
CA MET C 69 -9.27 4.39 2.61
C MET C 69 -8.42 4.77 1.42
N ARG C 70 -7.19 4.27 1.48
CA ARG C 70 -6.21 4.57 0.48
C ARG C 70 -5.40 3.30 0.33
N MET C 71 -5.25 2.84 -0.91
CA MET C 71 -4.47 1.64 -1.21
C MET C 71 -3.92 1.59 -2.62
N GLY C 72 -2.91 0.74 -2.78
CA GLY C 72 -2.26 0.57 -4.06
C GLY C 72 -0.92 -0.10 -3.98
N ILE C 73 -0.17 0.00 -5.06
CA ILE C 73 1.13 -0.65 -5.20
C ILE C 73 2.20 0.40 -5.01
N LEU C 74 3.06 0.18 -4.05
CA LEU C 74 4.09 1.15 -3.77
C LEU C 74 4.89 1.35 -5.03
N GLY C 75 4.94 2.58 -5.53
CA GLY C 75 5.77 2.84 -6.68
C GLY C 75 4.90 3.03 -7.90
N ARG C 76 3.66 2.59 -7.81
N ARG C 76 3.66 2.57 -7.81
CA ARG C 76 2.69 2.91 -8.84
CA ARG C 76 2.68 2.87 -8.85
C ARG C 76 1.63 3.81 -8.23
C ARG C 76 1.63 3.83 -8.30
N GLY C 77 0.37 3.51 -8.51
CA GLY C 77 -0.73 4.40 -8.08
C GLY C 77 -1.33 4.14 -6.71
N LEU C 78 -1.99 5.17 -6.17
CA LEU C 78 -2.89 4.94 -5.06
C LEU C 78 -4.32 5.07 -5.50
N GLN C 79 -5.21 4.35 -4.84
CA GLN C 79 -6.62 4.59 -5.07
C GLN C 79 -7.29 4.89 -3.76
N GLU C 80 -8.23 5.84 -3.80
CA GLU C 80 -8.92 6.31 -2.63
C GLU C 80 -10.41 5.97 -2.64
N TYR C 81 -10.90 5.47 -1.50
CA TYR C 81 -12.28 5.08 -1.37
C TYR C 81 -12.96 5.82 -0.23
N GLN C 82 -14.24 6.14 -0.40
CA GLN C 82 -15.02 6.72 0.67
C GLN C 82 -15.91 5.69 1.34
N LEU C 83 -15.69 5.39 2.62
CA LEU C 83 -16.43 4.32 3.30
C LEU C 83 -17.69 4.80 3.96
N PRO C 84 -18.70 3.91 4.08
CA PRO C 84 -18.79 2.60 3.43
C PRO C 84 -18.95 2.71 1.93
N TYR C 85 -18.30 1.79 1.22
CA TYR C 85 -18.25 1.87 -0.23
C TYR C 85 -19.66 1.88 -0.79
N GLN C 86 -19.87 2.81 -1.72
CA GLN C 86 -21.20 3.10 -2.24
C GLN C 86 -21.21 2.95 -3.74
N ARG C 87 -21.54 1.73 -4.14
CA ARG C 87 -21.47 1.28 -5.50
C ARG C 87 -22.34 2.13 -6.41
N VAL C 88 -22.12 2.03 -7.71
CA VAL C 88 -22.98 2.68 -8.67
C VAL C 88 -23.54 1.68 -9.69
N LEU C 89 -24.87 1.73 -9.88
CA LEU C 89 -25.62 0.97 -10.90
C LEU C 89 -27.07 1.45 -11.07
S SO4 D . 13.91 -0.30 2.25
O1 SO4 D . 12.82 -0.51 3.20
O2 SO4 D . 14.08 1.11 1.94
O3 SO4 D . 15.12 -0.80 2.88
O4 SO4 D . 13.65 -1.03 1.01
S SO4 E . -8.17 -7.43 4.72
O1 SO4 E . -8.39 -8.72 5.37
O2 SO4 E . -8.86 -7.42 3.44
O3 SO4 E . -8.68 -6.35 5.56
O4 SO4 E . -6.74 -7.20 4.52
S SO4 F . -34.68 14.10 43.38
O1 SO4 F . -34.99 14.51 42.01
O2 SO4 F . -35.95 13.92 44.07
O3 SO4 F . -33.90 15.11 44.06
O4 SO4 F . -33.93 12.85 43.36
S SO4 G . -3.04 -13.79 0.46
O1 SO4 G . -3.92 -14.81 1.05
O2 SO4 G . -3.85 -12.71 -0.11
O3 SO4 G . -2.16 -13.23 1.49
O4 SO4 G . -2.20 -14.40 -0.57
S SO4 H . 10.74 -14.12 -2.31
O1 SO4 H . 10.59 -15.01 -3.45
O2 SO4 H . 9.43 -13.67 -1.86
O3 SO4 H . 11.56 -12.97 -2.69
O4 SO4 H . 11.41 -14.83 -1.21
#